data_5EXZ
#
_entry.id   5EXZ
#
_cell.length_a   103.170
_cell.length_b   103.170
_cell.length_c   103.170
_cell.angle_alpha   90.000
_cell.angle_beta   90.000
_cell.angle_gamma   90.000
#
_symmetry.space_group_name_H-M   'I 2 3'
#
loop_
_entity.id
_entity.type
_entity.pdbx_description
1 polymer Polyhedrin
2 non-polymer 'CHLORIDE ION'
3 non-polymer 'MAGNESIUM ION'
4 non-polymer "ADENOSINE-5'-TRIPHOSPHATE"
5 non-polymer "CYTIDINE-5'-TRIPHOSPHATE"
6 non-polymer "GUANOSINE-5'-TRIPHOSPHATE"
7 water water
#
_entity_poly.entity_id   1
_entity_poly.type   'polypeptide(L)'
_entity_poly.pdbx_seq_one_letter_code
;(ACE)ADVAGTSNRDFRGREQRLFNSEQYNYNNSLNGEVSVWVYAYYSDGSVLVINKNSQYKVGISETFKALKEYREGQH
NDSYDEYEVNQSIYYPNGGDARKFHSNAKPRAIQIIFSPSVNVRTIKMAKGNAVSVPDEYLQRSHPWEATGIKYRKIKRD
GEIVGYSHYFELPHEYNSISLAVSGVHKNPSSYNVGSAHNVMDVFQSCDLALRFCNRYWAELELVNHYISPNAYPYLDIN
NHSYGVALSNRQ
;
_entity_poly.pdbx_strand_id   A
#
loop_
_chem_comp.id
_chem_comp.type
_chem_comp.name
_chem_comp.formula
ACE non-polymer 'ACETYL GROUP' 'C2 H4 O'
ATP non-polymer ADENOSINE-5'-TRIPHOSPHATE 'C10 H16 N5 O13 P3'
CL non-polymer 'CHLORIDE ION' 'Cl -1'
CTP non-polymer CYTIDINE-5'-TRIPHOSPHATE 'C9 H16 N3 O14 P3'
GTP non-polymer GUANOSINE-5'-TRIPHOSPHATE 'C10 H16 N5 O14 P3'
MG non-polymer 'MAGNESIUM ION' 'Mg 2'
#
# COMPACT_ATOMS: atom_id res chain seq x y z
C ACE A 1 -46.32 -11.43 -15.09
O ACE A 1 -46.04 -12.41 -15.78
CH3 ACE A 1 -47.78 -11.01 -14.89
N ALA A 2 -45.40 -10.67 -14.46
CA ALA A 2 -43.98 -10.98 -14.52
C ALA A 2 -43.66 -12.19 -13.62
N ASP A 3 -42.50 -12.85 -13.84
CA ASP A 3 -42.10 -13.96 -12.98
C ASP A 3 -41.86 -13.44 -11.58
N VAL A 4 -41.92 -14.33 -10.61
CA VAL A 4 -41.71 -13.97 -9.22
C VAL A 4 -40.21 -13.92 -8.95
N ALA A 5 -39.77 -12.97 -8.10
CA ALA A 5 -38.35 -12.79 -7.78
C ALA A 5 -37.71 -14.05 -7.19
N GLY A 6 -36.47 -14.32 -7.60
CA GLY A 6 -35.66 -15.41 -7.08
C GLY A 6 -36.23 -16.80 -7.31
N THR A 7 -37.00 -16.99 -8.40
CA THR A 7 -37.61 -18.30 -8.67
C THR A 7 -37.33 -18.78 -10.10
N SER A 8 -36.83 -17.90 -11.00
CA SER A 8 -36.60 -18.29 -12.40
C SER A 8 -35.37 -17.59 -13.02
N ASN A 9 -35.05 -17.95 -14.30
CA ASN A 9 -33.98 -17.38 -15.11
C ASN A 9 -34.39 -16.01 -15.71
N ARG A 10 -35.60 -15.53 -15.37
CA ARG A 10 -36.15 -14.26 -15.82
C ARG A 10 -36.06 -13.22 -14.72
N ASP A 11 -35.18 -13.46 -13.72
CA ASP A 11 -34.95 -12.44 -12.71
C ASP A 11 -33.87 -11.55 -13.27
N PHE A 12 -34.27 -10.61 -14.15
CA PHE A 12 -33.30 -9.73 -14.82
C PHE A 12 -32.65 -8.76 -13.83
N ARG A 13 -33.36 -8.34 -12.76
CA ARG A 13 -32.76 -7.46 -11.75
C ARG A 13 -31.54 -8.19 -11.09
N GLY A 14 -31.73 -9.48 -10.83
CA GLY A 14 -30.74 -10.38 -10.23
C GLY A 14 -29.54 -10.59 -11.14
N ARG A 15 -29.80 -10.87 -12.43
CA ARG A 15 -28.74 -11.05 -13.43
C ARG A 15 -27.93 -9.76 -13.60
N GLU A 16 -28.61 -8.59 -13.64
CA GLU A 16 -27.93 -7.28 -13.79
C GLU A 16 -27.08 -6.93 -12.57
N GLN A 17 -27.59 -7.25 -11.36
CA GLN A 17 -26.84 -7.02 -10.14
C GLN A 17 -25.51 -7.81 -10.17
N ARG A 18 -25.58 -9.07 -10.59
CA ARG A 18 -24.39 -9.94 -10.66
C ARG A 18 -23.42 -9.43 -11.73
N LEU A 19 -23.93 -8.99 -12.90
CA LEU A 19 -23.06 -8.46 -13.95
C LEU A 19 -22.39 -7.15 -13.52
N PHE A 20 -23.12 -6.30 -12.77
CA PHE A 20 -22.63 -5.03 -12.24
C PHE A 20 -21.35 -5.27 -11.42
N ASN A 21 -21.43 -6.21 -10.49
CA ASN A 21 -20.30 -6.57 -9.65
C ASN A 21 -19.14 -7.21 -10.46
N SER A 22 -19.46 -8.19 -11.35
CA SER A 22 -18.46 -8.88 -12.18
C SER A 22 -17.75 -7.91 -13.10
N GLU A 23 -18.48 -6.92 -13.62
CA GLU A 23 -17.89 -5.92 -14.51
C GLU A 23 -16.90 -5.03 -13.75
N GLN A 24 -17.21 -4.68 -12.49
CA GLN A 24 -16.31 -3.86 -11.67
C GLN A 24 -15.00 -4.59 -11.41
N TYR A 25 -15.12 -5.88 -11.04
CA TYR A 25 -13.98 -6.71 -10.77
C TYR A 25 -13.07 -6.87 -12.01
N ASN A 26 -13.71 -7.15 -13.14
CA ASN A 26 -12.99 -7.38 -14.39
C ASN A 26 -12.44 -6.07 -14.96
N TYR A 27 -13.18 -4.94 -14.85
CA TYR A 27 -12.62 -3.67 -15.33
C TYR A 27 -11.31 -3.34 -14.61
N ASN A 28 -11.28 -3.54 -13.29
CA ASN A 28 -10.09 -3.27 -12.47
C ASN A 28 -8.88 -4.06 -12.97
N ASN A 29 -9.09 -5.32 -13.41
CA ASN A 29 -8.07 -6.22 -13.94
C ASN A 29 -7.73 -6.01 -15.40
N SER A 30 -8.51 -5.18 -16.13
CA SER A 30 -8.21 -4.89 -17.51
C SER A 30 -7.09 -3.87 -17.55
N LEU A 31 -6.47 -3.65 -18.74
CA LEU A 31 -5.38 -2.68 -18.87
C LEU A 31 -5.88 -1.24 -18.73
N ASN A 32 -7.23 -1.04 -18.74
CA ASN A 32 -7.87 0.27 -18.56
C ASN A 32 -8.06 0.58 -17.08
N GLY A 33 -7.78 -0.41 -16.23
CA GLY A 33 -8.00 -0.33 -14.80
C GLY A 33 -6.85 0.19 -13.96
N GLU A 34 -7.19 0.48 -12.69
CA GLU A 34 -6.24 0.96 -11.69
C GLU A 34 -5.40 -0.16 -11.15
N VAL A 35 -4.19 0.15 -10.71
CA VAL A 35 -3.36 -0.72 -9.89
C VAL A 35 -3.04 0.19 -8.68
N SER A 36 -3.18 -0.34 -7.46
CA SER A 36 -3.04 0.48 -6.27
C SER A 36 -2.16 -0.14 -5.24
N VAL A 37 -1.47 0.71 -4.47
CA VAL A 37 -0.59 0.32 -3.38
C VAL A 37 -0.90 1.23 -2.20
N TRP A 38 -0.78 0.65 -1.02
CA TRP A 38 -0.95 1.30 0.26
C TRP A 38 0.22 0.93 1.12
N VAL A 39 0.77 1.93 1.81
CA VAL A 39 1.82 1.76 2.82
C VAL A 39 1.25 2.26 4.13
N TYR A 40 1.18 1.37 5.11
CA TYR A 40 0.69 1.70 6.45
C TYR A 40 1.86 1.74 7.39
N ALA A 41 2.11 2.91 8.01
CA ALA A 41 3.15 3.03 9.01
C ALA A 41 2.45 3.09 10.39
N TYR A 42 2.69 2.07 11.25
CA TYR A 42 2.05 1.96 12.57
C TYR A 42 2.88 2.61 13.69
N TYR A 43 2.27 3.51 14.49
CA TYR A 43 3.04 4.14 15.56
C TYR A 43 2.65 3.60 16.91
N SER A 44 3.57 3.73 17.91
CA SER A 44 3.33 3.19 19.25
C SER A 44 2.09 3.81 19.94
N ASP A 45 1.69 5.04 19.56
CA ASP A 45 0.49 5.67 20.18
C ASP A 45 -0.84 5.14 19.57
N GLY A 46 -0.72 4.11 18.73
CA GLY A 46 -1.87 3.46 18.09
C GLY A 46 -2.27 4.09 16.77
N SER A 47 -1.70 5.26 16.45
CA SER A 47 -2.04 5.97 15.23
C SER A 47 -1.37 5.32 13.99
N VAL A 48 -1.95 5.58 12.80
CA VAL A 48 -1.48 4.95 11.57
C VAL A 48 -1.41 5.97 10.45
N LEU A 49 -0.24 6.10 9.81
CA LEU A 49 -0.05 6.91 8.62
C LEU A 49 -0.30 6.01 7.43
N VAL A 50 -1.23 6.42 6.56
CA VAL A 50 -1.48 5.67 5.33
C VAL A 50 -0.98 6.53 4.18
N ILE A 51 -0.29 5.91 3.22
CA ILE A 51 0.11 6.52 1.96
C ILE A 51 -0.50 5.65 0.91
N ASN A 52 -1.34 6.23 0.02
CA ASN A 52 -1.93 5.44 -1.04
C ASN A 52 -1.53 6.04 -2.37
N LYS A 53 -1.25 5.20 -3.37
CA LYS A 53 -1.06 5.69 -4.74
C LYS A 53 -1.91 4.83 -5.67
N ASN A 54 -2.65 5.50 -6.57
CA ASN A 54 -3.54 4.84 -7.55
C ASN A 54 -3.14 5.27 -8.94
N SER A 55 -2.82 4.30 -9.80
CA SER A 55 -2.41 4.66 -11.15
C SER A 55 -2.61 3.51 -12.10
N GLN A 56 -2.67 3.84 -13.39
CA GLN A 56 -2.77 2.85 -14.45
C GLN A 56 -1.38 2.24 -14.71
N TYR A 57 -1.35 0.99 -15.23
CA TYR A 57 -0.19 0.21 -15.68
C TYR A 57 0.78 -0.21 -14.60
N LYS A 58 1.18 0.72 -13.72
CA LYS A 58 2.17 0.50 -12.65
C LYS A 58 1.98 1.55 -11.58
N VAL A 59 2.50 1.29 -10.36
CA VAL A 59 2.33 2.23 -9.26
C VAL A 59 3.39 1.93 -8.19
N GLY A 60 3.76 2.95 -7.44
CA GLY A 60 4.73 2.83 -6.35
C GLY A 60 4.69 3.99 -5.37
N ILE A 61 5.36 3.83 -4.23
CA ILE A 61 5.48 4.82 -3.17
C ILE A 61 6.93 4.85 -2.78
N SER A 62 7.50 6.05 -2.52
CA SER A 62 8.89 6.13 -2.08
C SER A 62 8.98 7.16 -0.98
N GLU A 63 9.44 6.73 0.20
CA GLU A 63 9.50 7.64 1.33
C GLU A 63 10.86 7.59 2.01
N THR A 64 11.32 8.75 2.51
CA THR A 64 12.56 8.84 3.28
C THR A 64 12.30 8.33 4.69
N PHE A 65 13.37 8.18 5.49
CA PHE A 65 13.25 7.81 6.89
C PHE A 65 12.41 8.88 7.63
N LYS A 66 12.72 10.18 7.42
CA LYS A 66 12.04 11.31 8.05
C LYS A 66 10.55 11.35 7.69
N ALA A 67 10.21 11.09 6.42
CA ALA A 67 8.84 11.11 5.92
C ALA A 67 7.93 10.08 6.58
N LEU A 68 8.49 8.96 7.02
CA LEU A 68 7.67 7.91 7.60
C LEU A 68 7.44 8.13 9.08
N LYS A 69 8.19 9.08 9.69
CA LYS A 69 8.04 9.39 11.12
C LYS A 69 6.69 10.03 11.39
N GLU A 70 6.11 9.75 12.55
CA GLU A 70 4.83 10.33 12.94
C GLU A 70 4.87 11.86 12.96
N TYR A 71 3.83 12.46 12.37
CA TYR A 71 3.64 13.91 12.32
C TYR A 71 2.20 14.21 12.74
N ARG A 72 2.03 14.87 13.90
CA ARG A 72 0.71 15.26 14.42
C ARG A 72 0.38 16.68 13.93
N GLU A 73 -0.47 16.78 12.88
CA GLU A 73 -0.90 18.05 12.31
C GLU A 73 -1.54 18.93 13.36
N GLY A 74 -1.06 20.18 13.43
CA GLY A 74 -1.59 21.18 14.35
C GLY A 74 -1.32 20.95 15.83
N GLN A 75 -0.41 20.02 16.14
CA GLN A 75 -0.03 19.71 17.51
C GLN A 75 1.49 19.87 17.66
N HIS A 76 2.02 19.77 18.89
CA HIS A 76 3.47 19.85 19.10
C HIS A 76 4.12 18.52 18.66
N ASN A 77 5.35 18.57 18.08
CA ASN A 77 6.02 17.33 17.65
C ASN A 77 7.52 17.29 18.01
N ASP A 78 7.98 17.99 19.08
CA ASP A 78 9.41 18.03 19.45
C ASP A 78 10.26 18.28 18.18
N SER A 79 9.80 19.17 17.27
CA SER A 79 10.44 19.38 15.97
C SER A 79 11.95 19.62 16.09
N TYR A 80 12.42 20.40 17.09
CA TYR A 80 13.88 20.57 17.20
C TYR A 80 14.56 19.27 17.68
N ASP A 81 14.04 18.65 18.75
CA ASP A 81 14.63 17.40 19.27
C ASP A 81 14.62 16.31 18.21
N GLU A 82 13.60 16.33 17.31
CA GLU A 82 13.43 15.30 16.30
C GLU A 82 14.42 15.48 15.15
N TYR A 83 14.91 16.72 14.90
CA TYR A 83 16.00 16.99 13.97
C TYR A 83 17.24 16.26 14.56
N GLU A 84 17.43 16.44 15.88
CA GLU A 84 18.55 15.87 16.63
C GLU A 84 18.46 14.34 16.63
N VAL A 85 17.22 13.78 16.69
CA VAL A 85 17.03 12.33 16.64
C VAL A 85 17.54 11.84 15.27
N ASN A 86 17.09 12.51 14.20
CA ASN A 86 17.47 12.16 12.82
C ASN A 86 18.97 12.12 12.66
N GLN A 87 19.68 13.12 13.24
CA GLN A 87 21.13 13.17 13.15
C GLN A 87 21.74 11.93 13.79
N SER A 88 21.16 11.48 14.92
CA SER A 88 21.67 10.31 15.62
C SER A 88 21.27 9.01 14.92
N ILE A 89 20.24 9.01 14.07
CA ILE A 89 19.86 7.80 13.32
C ILE A 89 20.74 7.66 12.05
N TYR A 90 21.06 8.80 11.40
CA TYR A 90 21.89 8.81 10.18
C TYR A 90 23.31 8.37 10.46
N TYR A 91 23.81 8.70 11.66
CA TYR A 91 25.15 8.29 12.07
C TYR A 91 25.15 8.08 13.60
N PRO A 92 25.63 6.93 14.10
CA PRO A 92 25.61 6.70 15.57
C PRO A 92 26.34 7.81 16.31
N ASN A 93 25.68 8.35 17.38
CA ASN A 93 26.21 9.46 18.18
C ASN A 93 26.39 10.73 17.31
N GLY A 94 25.58 10.85 16.25
CA GLY A 94 25.63 12.01 15.37
C GLY A 94 24.84 13.20 15.88
N GLY A 95 23.88 12.95 16.76
CA GLY A 95 23.00 14.01 17.25
C GLY A 95 23.11 14.36 18.72
N ASP A 96 22.25 15.28 19.17
CA ASP A 96 22.23 15.75 20.56
C ASP A 96 20.77 15.75 21.07
N ALA A 97 20.08 14.61 20.89
CA ALA A 97 18.67 14.47 21.27
C ALA A 97 18.52 14.24 22.78
N ARG A 98 17.32 14.51 23.32
CA ARG A 98 16.96 14.32 24.73
C ARG A 98 16.15 13.02 24.96
N LYS A 99 16.27 12.06 24.04
CA LYS A 99 15.56 10.79 24.11
C LYS A 99 16.37 9.66 23.45
N PHE A 100 16.23 8.44 23.99
CA PHE A 100 16.87 7.21 23.53
C PHE A 100 16.13 6.67 22.29
N HIS A 101 14.80 6.59 22.37
CA HIS A 101 13.99 6.10 21.27
C HIS A 101 12.89 7.13 20.94
N SER A 102 12.76 7.52 19.67
CA SER A 102 11.69 8.42 19.27
C SER A 102 10.42 7.62 19.04
N ASN A 103 9.33 7.98 19.76
CA ASN A 103 8.01 7.32 19.58
C ASN A 103 7.40 7.69 18.22
N ALA A 104 8.05 8.61 17.48
CA ALA A 104 7.58 8.94 16.14
C ALA A 104 8.07 7.88 15.13
N LYS A 105 9.01 6.98 15.50
CA LYS A 105 9.51 5.98 14.54
C LYS A 105 8.44 4.92 14.28
N PRO A 106 8.24 4.47 13.02
CA PRO A 106 7.26 3.38 12.80
C PRO A 106 7.64 2.10 13.56
N ARG A 107 6.63 1.41 14.11
CA ARG A 107 6.76 0.16 14.86
C ARG A 107 6.55 -1.03 13.92
N ALA A 108 5.93 -0.76 12.78
CA ALA A 108 5.62 -1.78 11.78
C ALA A 108 5.20 -1.14 10.47
N ILE A 109 5.27 -1.91 9.39
CA ILE A 109 4.87 -1.49 8.06
C ILE A 109 4.00 -2.55 7.45
N GLN A 110 2.89 -2.16 6.85
CA GLN A 110 2.10 -3.08 6.07
C GLN A 110 2.01 -2.53 4.66
N ILE A 111 2.35 -3.35 3.67
CA ILE A 111 2.22 -2.97 2.26
C ILE A 111 1.05 -3.77 1.70
N ILE A 112 0.11 -3.10 1.05
CA ILE A 112 -1.03 -3.78 0.49
C ILE A 112 -1.16 -3.36 -0.95
N PHE A 113 -1.40 -4.34 -1.83
CA PHE A 113 -1.65 -4.07 -3.23
C PHE A 113 -3.09 -4.44 -3.55
N SER A 114 -3.70 -3.77 -4.55
CA SER A 114 -5.03 -4.13 -5.04
C SER A 114 -4.96 -5.52 -5.78
N PRO A 115 -6.09 -6.21 -6.02
CA PRO A 115 -6.02 -7.52 -6.71
C PRO A 115 -5.60 -7.43 -8.20
N SER A 116 -5.54 -6.22 -8.80
CA SER A 116 -5.12 -6.03 -10.21
C SER A 116 -3.59 -6.06 -10.39
N VAL A 117 -2.81 -6.17 -9.29
CA VAL A 117 -1.34 -6.26 -9.42
C VAL A 117 -0.95 -7.68 -9.84
N ASN A 118 0.21 -7.83 -10.48
CA ASN A 118 0.85 -9.12 -10.71
C ASN A 118 1.86 -9.23 -9.56
N VAL A 119 1.65 -10.17 -8.65
CA VAL A 119 2.50 -10.32 -7.43
C VAL A 119 3.99 -10.58 -7.79
N ARG A 120 4.25 -11.19 -8.96
CA ARG A 120 5.62 -11.49 -9.42
C ARG A 120 6.37 -10.20 -9.85
N THR A 121 5.64 -9.07 -10.04
CA THR A 121 6.28 -7.81 -10.44
C THR A 121 6.56 -6.93 -9.23
N ILE A 122 6.14 -7.34 -8.01
CA ILE A 122 6.33 -6.49 -6.83
C ILE A 122 7.83 -6.37 -6.51
N LYS A 123 8.26 -5.16 -6.19
CA LYS A 123 9.65 -4.85 -5.84
C LYS A 123 9.65 -3.90 -4.66
N MET A 124 10.62 -4.07 -3.78
CA MET A 124 10.75 -3.23 -2.60
C MET A 124 12.20 -2.86 -2.41
N ALA A 125 12.42 -1.58 -2.14
CA ALA A 125 13.73 -1.04 -1.79
C ALA A 125 13.61 -0.55 -0.34
N LYS A 126 14.03 -1.43 0.59
CA LYS A 126 14.00 -1.21 2.02
C LYS A 126 15.40 -0.85 2.42
N GLY A 127 15.66 0.45 2.48
CA GLY A 127 17.00 0.94 2.76
C GLY A 127 17.26 1.32 4.20
N ASN A 128 18.48 1.73 4.45
CA ASN A 128 18.83 2.20 5.77
C ASN A 128 18.33 3.67 5.89
N ALA A 129 18.60 4.30 7.03
CA ALA A 129 18.11 5.65 7.34
C ALA A 129 18.66 6.73 6.40
N VAL A 130 19.75 6.44 5.62
CA VAL A 130 20.32 7.42 4.68
C VAL A 130 19.96 7.06 3.22
N SER A 131 18.97 6.19 3.06
CA SER A 131 18.36 5.82 1.77
C SER A 131 19.31 5.07 0.84
N VAL A 132 20.03 4.12 1.43
CA VAL A 132 20.89 3.18 0.72
C VAL A 132 20.25 1.80 0.88
N PRO A 133 19.98 1.08 -0.23
CA PRO A 133 19.25 -0.20 -0.10
C PRO A 133 19.99 -1.29 0.67
N ASP A 134 21.31 -1.47 0.45
CA ASP A 134 22.02 -2.60 1.05
C ASP A 134 23.42 -2.26 1.56
N GLU A 135 23.47 -1.60 2.73
CA GLU A 135 24.67 -1.20 3.50
C GLU A 135 25.51 -0.11 2.79
N TYR A 136 25.94 -0.35 1.52
CA TYR A 136 26.72 0.61 0.72
C TYR A 136 26.17 0.59 -0.67
N LEU A 137 26.16 1.78 -1.35
CA LEU A 137 25.63 1.88 -2.72
C LEU A 137 26.27 0.89 -3.68
N GLN A 138 27.62 0.75 -3.58
CA GLN A 138 28.41 -0.02 -4.52
C GLN A 138 27.96 -1.48 -4.62
N ARG A 139 27.52 -2.08 -3.53
CA ARG A 139 27.09 -3.48 -3.57
C ARG A 139 25.58 -3.61 -3.44
N SER A 140 24.86 -2.51 -3.67
CA SER A 140 23.40 -2.51 -3.52
C SER A 140 22.66 -2.86 -4.80
N HIS A 141 21.81 -3.92 -4.75
CA HIS A 141 20.85 -4.15 -5.81
C HIS A 141 19.72 -3.17 -5.44
N PRO A 142 19.15 -2.39 -6.37
CA PRO A 142 18.21 -1.32 -5.96
C PRO A 142 16.84 -1.81 -5.50
N TRP A 143 16.61 -3.11 -5.48
CA TRP A 143 15.31 -3.66 -5.04
C TRP A 143 15.44 -5.14 -4.73
N GLU A 144 14.38 -5.68 -4.14
CA GLU A 144 14.20 -7.11 -3.84
C GLU A 144 12.80 -7.45 -4.31
N ALA A 145 12.64 -8.60 -4.99
CA ALA A 145 11.30 -9.00 -5.46
C ALA A 145 10.70 -9.86 -4.36
N THR A 146 9.82 -9.25 -3.55
CA THR A 146 9.25 -9.85 -2.33
C THR A 146 7.87 -10.48 -2.53
N GLY A 147 7.42 -10.62 -3.76
CA GLY A 147 6.12 -11.19 -4.09
C GLY A 147 5.77 -12.48 -3.36
N ILE A 148 6.75 -13.41 -3.21
CA ILE A 148 6.53 -14.69 -2.54
C ILE A 148 6.03 -14.53 -1.08
N LYS A 149 6.39 -13.41 -0.43
CA LYS A 149 6.03 -13.15 0.97
C LYS A 149 4.63 -12.56 1.15
N TYR A 150 4.00 -12.11 0.05
CA TYR A 150 2.68 -11.49 0.12
C TYR A 150 1.61 -12.54 0.35
N ARG A 151 0.77 -12.26 1.34
CA ARG A 151 -0.36 -13.08 1.71
C ARG A 151 -1.58 -12.59 0.96
N LYS A 152 -2.46 -13.51 0.59
CA LYS A 152 -3.67 -13.15 -0.11
C LYS A 152 -4.68 -12.68 0.88
N ILE A 153 -5.28 -11.49 0.66
CA ILE A 153 -6.37 -11.05 1.52
C ILE A 153 -7.59 -11.58 0.87
N LYS A 154 -8.36 -12.46 1.56
CA LYS A 154 -9.55 -13.05 0.94
C LYS A 154 -10.83 -12.73 1.71
N ARG A 155 -11.93 -12.63 0.95
CA ARG A 155 -13.29 -12.40 1.44
C ARG A 155 -14.19 -13.27 0.60
N ASP A 156 -14.99 -14.15 1.25
CA ASP A 156 -15.87 -15.08 0.54
C ASP A 156 -15.10 -15.93 -0.52
N GLY A 157 -13.87 -16.32 -0.21
CA GLY A 157 -13.06 -17.12 -1.12
C GLY A 157 -12.44 -16.35 -2.28
N GLU A 158 -12.65 -15.02 -2.36
CA GLU A 158 -12.07 -14.19 -3.43
C GLU A 158 -10.87 -13.37 -2.92
N ILE A 159 -9.82 -13.23 -3.75
CA ILE A 159 -8.64 -12.40 -3.46
C ILE A 159 -9.05 -10.94 -3.67
N VAL A 160 -9.00 -10.16 -2.60
CA VAL A 160 -9.36 -8.74 -2.67
C VAL A 160 -8.11 -7.87 -2.57
N GLY A 161 -6.98 -8.51 -2.29
CA GLY A 161 -5.73 -7.80 -2.21
C GLY A 161 -4.58 -8.68 -1.80
N TYR A 162 -3.40 -8.05 -1.67
CA TYR A 162 -2.18 -8.73 -1.25
C TYR A 162 -1.55 -7.96 -0.15
N SER A 163 -1.02 -8.63 0.87
CA SER A 163 -0.42 -7.96 2.03
C SER A 163 0.97 -8.49 2.36
N HIS A 164 1.94 -7.57 2.59
CA HIS A 164 3.28 -7.86 3.14
C HIS A 164 3.41 -7.05 4.40
N TYR A 165 3.58 -7.73 5.53
CA TYR A 165 3.71 -7.07 6.81
C TYR A 165 5.02 -7.41 7.52
N PHE A 166 5.72 -6.37 8.00
CA PHE A 166 6.93 -6.63 8.75
C PHE A 166 6.97 -5.63 9.91
N GLU A 167 7.25 -6.14 11.10
CA GLU A 167 7.35 -5.26 12.26
C GLU A 167 8.76 -4.65 12.29
N LEU A 168 8.90 -3.53 12.99
CA LEU A 168 10.16 -2.84 13.19
C LEU A 168 10.31 -2.68 14.72
N PRO A 169 10.41 -3.79 15.50
CA PRO A 169 10.35 -3.64 16.95
C PRO A 169 11.67 -3.35 17.63
N HIS A 170 12.79 -3.44 16.88
CA HIS A 170 14.12 -3.28 17.45
C HIS A 170 14.64 -1.85 17.30
N GLU A 171 15.58 -1.45 18.15
CA GLU A 171 16.13 -0.09 18.13
C GLU A 171 16.78 0.22 16.79
N TYR A 172 17.44 -0.76 16.17
CA TYR A 172 18.12 -0.62 14.87
C TYR A 172 17.15 -0.65 13.67
N ASN A 173 15.85 -0.89 13.86
CA ASN A 173 14.97 -0.91 12.69
C ASN A 173 14.64 0.51 12.29
N SER A 174 15.54 1.15 11.52
CA SER A 174 15.42 2.52 11.02
C SER A 174 15.54 2.46 9.51
N ILE A 175 14.41 2.64 8.83
CA ILE A 175 14.39 2.42 7.39
C ILE A 175 13.89 3.62 6.57
N SER A 176 14.25 3.57 5.28
CA SER A 176 13.76 4.38 4.16
C SER A 176 13.02 3.33 3.34
N LEU A 177 11.97 3.67 2.59
CA LEU A 177 11.22 2.59 1.95
C LEU A 177 10.61 3.01 0.61
N ALA A 178 10.76 2.14 -0.39
CA ALA A 178 10.13 2.31 -1.68
C ALA A 178 9.53 0.99 -2.10
N VAL A 179 8.35 1.03 -2.71
CA VAL A 179 7.71 -0.19 -3.18
C VAL A 179 7.05 0.09 -4.53
N SER A 180 7.03 -0.91 -5.41
CA SER A 180 6.49 -0.80 -6.75
C SER A 180 5.85 -2.07 -7.19
N GLY A 181 4.74 -1.93 -7.90
CA GLY A 181 4.02 -3.06 -8.48
C GLY A 181 3.53 -2.68 -9.86
N VAL A 182 3.42 -3.67 -10.75
CA VAL A 182 2.95 -3.51 -12.13
C VAL A 182 1.54 -4.13 -12.23
N HIS A 183 0.61 -3.44 -12.95
CA HIS A 183 -0.75 -3.97 -13.16
C HIS A 183 -0.66 -5.30 -13.92
N LYS A 184 -1.54 -6.27 -13.63
CA LYS A 184 -1.58 -7.56 -14.35
C LYS A 184 -1.62 -7.33 -15.85
N ASN A 185 -0.94 -8.17 -16.61
CA ASN A 185 -1.06 -8.07 -18.05
C ASN A 185 -0.83 -9.45 -18.63
N PRO A 186 -1.90 -10.27 -18.70
CA PRO A 186 -1.73 -11.63 -19.23
C PRO A 186 -1.64 -11.67 -20.77
N SER A 187 -1.85 -10.50 -21.47
CA SER A 187 -1.73 -10.42 -22.93
C SER A 187 -0.27 -10.32 -23.39
N SER A 188 -0.04 -10.34 -24.71
CA SER A 188 1.30 -10.11 -25.28
C SER A 188 1.42 -8.65 -25.81
N TYR A 189 0.45 -7.80 -25.48
CA TYR A 189 0.54 -6.38 -25.81
C TYR A 189 1.33 -5.73 -24.70
N ASN A 190 2.56 -5.28 -24.97
CA ASN A 190 3.41 -4.65 -23.94
C ASN A 190 2.95 -3.21 -23.76
N VAL A 191 2.44 -2.87 -22.56
CA VAL A 191 1.90 -1.52 -22.32
C VAL A 191 2.97 -0.43 -22.44
N GLY A 192 4.25 -0.80 -22.29
CA GLY A 192 5.39 0.12 -22.41
C GLY A 192 6.11 0.03 -23.74
N SER A 193 5.66 -0.86 -24.69
CA SER A 193 6.22 -0.92 -26.06
C SER A 193 5.94 0.45 -26.71
N ALA A 194 6.57 0.79 -27.85
CA ALA A 194 6.46 2.12 -28.44
C ALA A 194 5.03 2.60 -28.69
N HIS A 195 4.09 1.72 -29.09
CA HIS A 195 2.72 2.16 -29.35
C HIS A 195 2.10 2.87 -28.14
N ASN A 196 2.31 2.34 -26.92
CA ASN A 196 1.64 2.88 -25.71
C ASN A 196 2.57 3.50 -24.67
N VAL A 197 3.91 3.57 -24.90
CA VAL A 197 4.90 4.05 -23.90
C VAL A 197 4.56 5.47 -23.39
N MET A 198 4.12 6.36 -24.28
CA MET A 198 3.82 7.73 -23.86
C MET A 198 2.58 7.77 -22.99
N ASP A 199 1.67 6.76 -23.09
CA ASP A 199 0.52 6.72 -22.17
C ASP A 199 1.01 6.34 -20.79
N VAL A 200 2.07 5.49 -20.73
CA VAL A 200 2.65 5.07 -19.46
C VAL A 200 3.38 6.29 -18.86
N PHE A 201 4.08 7.10 -19.67
CA PHE A 201 4.72 8.31 -19.15
C PHE A 201 3.65 9.27 -18.59
N GLN A 202 2.49 9.42 -19.27
CA GLN A 202 1.41 10.26 -18.76
C GLN A 202 0.84 9.67 -17.48
N SER A 203 0.82 8.32 -17.38
CA SER A 203 0.32 7.64 -16.16
C SER A 203 1.17 8.04 -14.95
N CYS A 204 2.49 8.32 -15.16
CA CYS A 204 3.38 8.81 -14.08
C CYS A 204 2.91 10.19 -13.59
N ASP A 205 2.43 11.04 -14.52
CA ASP A 205 1.89 12.38 -14.22
C ASP A 205 0.51 12.28 -13.52
N LEU A 206 -0.33 11.33 -14.00
CA LEU A 206 -1.72 11.18 -13.59
C LEU A 206 -1.95 10.38 -12.33
N ALA A 207 -0.91 9.71 -11.79
CA ALA A 207 -1.06 8.91 -10.55
C ALA A 207 -1.56 9.81 -9.43
N LEU A 208 -2.57 9.34 -8.70
CA LEU A 208 -3.15 10.09 -7.57
C LEU A 208 -2.59 9.55 -6.28
N ARG A 209 -2.21 10.48 -5.40
CA ARG A 209 -1.66 10.13 -4.09
C ARG A 209 -2.60 10.59 -2.99
N PHE A 210 -2.60 9.87 -1.87
CA PHE A 210 -3.39 10.23 -0.68
C PHE A 210 -2.53 9.94 0.52
N CYS A 211 -2.54 10.84 1.51
CA CYS A 211 -1.78 10.62 2.75
CA CYS A 211 -1.75 10.67 2.72
C CYS A 211 -2.53 11.24 3.91
N ASN A 212 -2.58 10.51 5.03
CA ASN A 212 -3.30 10.97 6.22
C ASN A 212 -2.92 10.14 7.40
N ARG A 213 -2.89 10.73 8.61
CA ARG A 213 -2.63 9.98 9.83
C ARG A 213 -3.97 9.76 10.55
N TYR A 214 -4.37 8.50 10.73
CA TYR A 214 -5.59 8.14 11.46
C TYR A 214 -5.18 7.81 12.91
N TRP A 215 -6.04 8.09 13.88
CA TRP A 215 -5.75 7.93 15.31
C TRP A 215 -5.69 6.48 15.78
N ALA A 216 -6.37 5.55 15.10
CA ALA A 216 -6.37 4.15 15.51
C ALA A 216 -6.68 3.22 14.35
N GLU A 217 -6.30 1.91 14.47
CA GLU A 217 -6.66 0.91 13.46
C GLU A 217 -8.21 0.86 13.31
N LEU A 218 -8.97 0.96 14.42
CA LEU A 218 -10.45 0.98 14.34
C LEU A 218 -10.91 2.07 13.35
N GLU A 219 -10.36 3.29 13.54
CA GLU A 219 -10.70 4.47 12.75
C GLU A 219 -10.32 4.27 11.29
N LEU A 220 -9.15 3.66 11.06
CA LEU A 220 -8.70 3.30 9.72
C LEU A 220 -9.68 2.31 9.09
N VAL A 221 -10.07 1.27 9.82
CA VAL A 221 -10.98 0.25 9.30
C VAL A 221 -12.34 0.89 8.99
N ASN A 222 -12.88 1.70 9.92
CA ASN A 222 -14.20 2.30 9.75
C ASN A 222 -14.23 3.38 8.73
N HIS A 223 -13.27 4.33 8.74
CA HIS A 223 -13.42 5.53 7.91
C HIS A 223 -12.50 5.60 6.70
N TYR A 224 -11.58 4.64 6.56
CA TYR A 224 -10.72 4.68 5.39
C TYR A 224 -10.93 3.43 4.51
N ILE A 225 -10.75 2.26 5.11
CA ILE A 225 -10.81 0.98 4.43
C ILE A 225 -12.21 0.68 3.92
N SER A 226 -13.16 0.50 4.84
CA SER A 226 -14.52 0.04 4.54
C SER A 226 -15.30 0.98 3.63
N PRO A 227 -15.32 2.31 3.83
CA PRO A 227 -16.12 3.18 2.93
C PRO A 227 -15.66 3.16 1.48
N ASN A 228 -14.40 2.85 1.26
CA ASN A 228 -13.82 2.90 -0.07
C ASN A 228 -13.67 1.53 -0.71
N ALA A 229 -14.15 0.45 -0.02
CA ALA A 229 -14.11 -0.95 -0.51
C ALA A 229 -12.66 -1.39 -0.77
N TYR A 230 -11.76 -0.94 0.14
CA TYR A 230 -10.33 -1.26 0.07
C TYR A 230 -10.05 -2.57 0.76
N PRO A 231 -9.00 -3.31 0.35
CA PRO A 231 -8.65 -4.53 1.11
C PRO A 231 -7.83 -4.15 2.33
N TYR A 232 -7.89 -4.96 3.40
CA TYR A 232 -7.10 -4.70 4.60
C TYR A 232 -6.96 -5.97 5.43
N LEU A 233 -5.91 -6.01 6.26
CA LEU A 233 -5.65 -7.10 7.19
C LEU A 233 -5.32 -6.44 8.53
N ASP A 234 -6.18 -6.66 9.56
CA ASP A 234 -5.94 -5.96 10.84
C ASP A 234 -4.94 -6.76 11.72
N ILE A 235 -4.68 -6.29 12.95
CA ILE A 235 -3.68 -6.92 13.85
C ILE A 235 -4.13 -8.32 14.29
N ASN A 236 -5.44 -8.56 14.36
CA ASN A 236 -6.00 -9.84 14.77
C ASN A 236 -6.14 -10.80 13.58
N ASN A 237 -5.50 -10.46 12.44
CA ASN A 237 -5.47 -11.25 11.21
C ASN A 237 -6.84 -11.33 10.53
N HIS A 238 -7.70 -10.32 10.77
CA HIS A 238 -9.02 -10.32 10.12
C HIS A 238 -8.90 -9.63 8.77
N SER A 239 -9.45 -10.28 7.73
CA SER A 239 -9.46 -9.79 6.36
C SER A 239 -10.68 -8.90 6.09
N TYR A 240 -10.44 -7.75 5.45
CA TYR A 240 -11.48 -6.78 5.04
C TYR A 240 -11.41 -6.62 3.54
N GLY A 241 -12.55 -6.37 2.93
CA GLY A 241 -12.70 -6.21 1.49
C GLY A 241 -14.09 -6.62 1.02
N VAL A 242 -14.38 -6.41 -0.30
CA VAL A 242 -15.68 -6.80 -0.88
C VAL A 242 -15.46 -7.76 -2.05
N ALA A 243 -16.00 -9.02 -1.97
CA ALA A 243 -15.88 -9.99 -3.08
C ALA A 243 -16.85 -9.56 -4.18
N LEU A 244 -16.36 -9.47 -5.42
CA LEU A 244 -17.21 -8.95 -6.51
C LEU A 244 -17.42 -9.91 -7.68
N SER A 245 -16.46 -10.81 -7.97
CA SER A 245 -16.59 -11.70 -9.12
C SER A 245 -17.76 -12.67 -8.99
N ASN A 246 -18.69 -12.64 -9.98
CA ASN A 246 -19.85 -13.54 -10.06
C ASN A 246 -20.79 -13.44 -8.82
N ARG A 247 -20.72 -12.32 -8.05
CA ARG A 247 -21.50 -12.11 -6.81
C ARG A 247 -22.57 -11.05 -6.93
N GLN A 248 -23.64 -11.20 -6.16
CA GLN A 248 -24.70 -10.20 -6.06
C GLN A 248 -24.44 -9.27 -4.85
CL CL B . -7.69 -4.38 -21.56
MG MG C . 9.38 23.83 19.03
MG MG D . -4.31 -21.88 -4.55
MG MG E . 14.89 -11.57 10.91
PG ATP F . -3.95 -20.58 -1.67
O1G ATP F . -3.29 -21.76 -0.79
O2G ATP F . -3.71 -19.28 -1.00
O3G ATP F . -3.59 -20.75 -3.07
PB ATP F . -6.53 -21.54 -2.45
O1B ATP F . -5.84 -22.49 -3.33
O2B ATP F . -7.67 -22.03 -1.63
O3B ATP F . -5.52 -20.87 -1.41
PA ATP F . -6.40 -19.35 -4.40
O1A ATP F . -5.29 -20.08 -5.07
O2A ATP F . -6.15 -17.98 -3.94
O3A ATP F . -7.06 -20.22 -3.21
O5' ATP F . -7.65 -19.28 -5.37
C5' ATP F . -8.79 -18.50 -4.93
C4' ATP F . -9.59 -17.91 -6.10
O4' ATP F . -8.87 -16.85 -6.78
C3' ATP F . -9.91 -18.98 -7.15
O3' ATP F . -11.19 -18.70 -7.73
C2' ATP F . -8.79 -18.81 -8.18
O2' ATP F . -9.19 -19.27 -9.49
C1' ATP F . -8.54 -17.30 -8.12
N9 ATP F . -7.13 -16.94 -8.40
C8 ATP F . -6.01 -17.65 -8.37
N7 ATP F . -5.02 -16.89 -8.83
C5 ATP F . -5.51 -15.68 -9.07
C6 ATP F . -4.94 -14.57 -9.55
N6 ATP F . -3.62 -14.63 -9.79
N1 ATP F . -5.62 -13.42 -9.70
C2 ATP F . -7.09 -13.34 -9.48
N3 ATP F . -7.62 -14.63 -8.97
C4 ATP F . -6.83 -15.71 -8.80
N1 CTP G . 15.77 21.79 22.70
C2 CTP G . 17.14 21.75 22.74
N3 CTP G . 17.84 20.55 22.51
C4 CTP G . 17.12 19.40 22.18
C5 CTP G . 15.72 19.43 22.14
C6 CTP G . 15.04 20.63 22.37
O2 CTP G . 17.82 22.74 23.02
N4 CTP G . 17.78 18.27 21.96
C1' CTP G . 15.05 23.09 22.90
C2' CTP G . 14.93 23.82 21.56
O2' CTP G . 15.59 25.06 21.64
C3' CTP G . 13.46 24.03 21.36
C4' CTP G . 12.83 23.88 22.74
O4' CTP G . 13.72 23.01 23.52
O3' CTP G . 13.17 25.30 20.79
C5' CTP G . 11.48 23.16 22.55
O5' CTP G . 11.70 21.87 21.97
PA CTP G . 11.11 21.42 20.47
O1A CTP G . 11.94 20.23 20.13
O2A CTP G . 11.03 22.55 19.52
O3A CTP G . 9.61 20.91 20.82
PB CTP G . 8.23 21.80 20.88
O1B CTP G . 7.56 21.31 22.10
O2B CTP G . 8.47 23.26 20.72
O3B CTP G . 7.31 21.22 19.62
PG CTP G . 7.26 21.80 18.07
O1G CTP G . 7.11 20.58 17.25
O2G CTP G . 6.09 22.70 18.08
O3G CTP G . 8.55 22.48 17.95
PG GTP H . 13.67 -10.74 14.49
O1G GTP H . 13.74 -12.17 14.79
O2G GTP H . 12.61 -9.97 15.42
O3G GTP H . 13.16 -10.40 12.99
O3B GTP H . 15.12 -10.01 14.69
PB GTP H . 16.17 -9.83 13.45
O1B GTP H . 15.95 -10.81 12.36
O2B GTP H . 17.63 -10.02 14.09
O3A GTP H . 16.11 -8.26 13.00
PA GTP H . 15.02 -7.65 11.96
O1A GTP H . 14.51 -8.73 11.07
O2A GTP H . 14.04 -6.82 12.70
O5' GTP H . 15.90 -6.63 11.08
C5' GTP H . 16.87 -7.15 10.18
C4' GTP H . 17.41 -6.04 9.27
O4' GTP H . 17.96 -4.99 10.11
C3' GTP H . 18.57 -6.63 8.50
O3' GTP H . 18.12 -6.97 7.15
C2' GTP H . 19.65 -5.56 8.51
O2' GTP H . 19.74 -4.94 7.22
C1' GTP H . 19.22 -4.52 9.54
N9 GTP H . 20.16 -4.37 10.72
C8 GTP H . 20.84 -3.26 11.00
N7 GTP H . 21.49 -3.44 12.15
C5 GTP H . 21.19 -4.67 12.61
C6 GTP H . 21.56 -5.33 13.72
O6 GTP H . 22.33 -4.82 14.54
N1 GTP H . 21.07 -6.63 13.96
C2 GTP H . 20.20 -7.19 13.02
N2 GTP H . 19.71 -8.42 13.22
N3 GTP H . 19.84 -6.49 11.93
C4 GTP H . 20.34 -5.24 11.73
#